data_6BKF
#
_entry.id   6BKF
#
_cell.length_a   119.220
_cell.length_b   119.220
_cell.length_c   137.414
_cell.angle_alpha   90.00
_cell.angle_beta   90.00
_cell.angle_gamma   90.00
#
_symmetry.space_group_name_H-M   'P 43 21 2'
#
loop_
_entity.id
_entity.type
_entity.pdbx_description
1 polymer 'DNA ligase 4'
2 polymer "DNA (5'-D(*GP*CP*TP*GP*AP*TP*GP*CP*GP*TP*C)-3')"
3 polymer "DNA (5'-D(*GP*TP*CP*CP*GP*AP*CP*GP*AP*CP*GP*CP*AP*TP*CP*AP*GP*C)-3')"
4 polymer "DNA (5'-D(P*GP*TP*CP*GP*GP*AP*C)-3')"
5 non-polymer 'ADENOSINE MONOPHOSPHATE'
6 water water
#
loop_
_entity_poly.entity_id
_entity_poly.type
_entity_poly.pdbx_seq_one_letter_code
_entity_poly.pdbx_strand_id
1 'polypeptide(L)'
;TMAASQTSQTVASHVPFADLCSTLERIQKSKGRAEKIRHFREFLDSWRKFHDALHKNHKDVTDSFYPAMRLILPQLERER
MAYGIKETMLAKLYIELLNLPRDGKDALKLLNYRTPTGTHGDAGDFAMIAYFVLKPRCLQKGSLTIQQVNDLLDSIASNN
SAKRKDLIKKSLLQLITQSSALEQKWLIRMIIKDLKLGVSQQTIFSVFHNDAAELHNVTTDLEKVCRQLHDPSVGLSDIS
ITLFSAFKPMLAAIADIEHIEKDMKHQSFYIETKLDGERMQMHKDGDVYKYFSRNGYNYTDQFGASPTEGSLTPFIHNAF
KADIQICILDGEMMAYNPNTQTFMQKGTKFDIKRMVEDSDLQTCYCVFDVLMVNNKKLGHETLRKRYEILSSIFTPIPGR
IEIVQKTQAHTKNEVIDALNEAIDKREEGIMVKQPLSIYKPDKRGEGWLKIKPEYVSGLMDELDILIVGGYWGKGSRGGM
MSHFLCAVAEKPPPGEKPSVFHTLSRVGSGCTMKELYDLGLKLAKYWKPFHRKAPPSSILCGTEKPEVYIEPCNSVIVQI
KAAEIVPSDMYKTGCTLRFPRIEKIRDDKEWHECMTLDDLEQLRGKASGKLASKHLYIGGD
;
A
2 'polydeoxyribonucleotide' (DG)(DC)(DT)(DG)(DA)(DT)(DG)(DC)(DG)(DT)(DC) P
3 'polydeoxyribonucleotide' (DG)(DT)(DC)(DC)(DG)(DA)(DC)(DG)(DA)(DC)(DG)(DC)(DA)(DT)(DC)(DA)(DG)(DC) T
4 'polydeoxyribonucleotide' (DG)(DT)(DC)(DG)(DG)(DA)(DC) D
#
loop_
_chem_comp.id
_chem_comp.type
_chem_comp.name
_chem_comp.formula
AMP non-polymer 'ADENOSINE MONOPHOSPHATE' 'C10 H14 N5 O7 P'
DA DNA linking 2'-DEOXYADENOSINE-5'-MONOPHOSPHATE 'C10 H14 N5 O6 P'
DC DNA linking 2'-DEOXYCYTIDINE-5'-MONOPHOSPHATE 'C9 H14 N3 O7 P'
DG DNA linking 2'-DEOXYGUANOSINE-5'-MONOPHOSPHATE 'C10 H14 N5 O7 P'
DT DNA linking THYMIDINE-5'-MONOPHOSPHATE 'C10 H15 N2 O8 P'
#
# COMPACT_ATOMS: atom_id res chain seq x y z
N THR A 10 31.52 -12.92 19.22
CA THR A 10 30.12 -12.90 18.83
C THR A 10 29.61 -14.31 18.56
N VAL A 11 28.30 -14.51 18.76
CA VAL A 11 27.71 -15.85 18.70
C VAL A 11 27.52 -16.36 17.26
N ALA A 12 27.09 -15.47 16.37
CA ALA A 12 26.77 -15.86 14.99
C ALA A 12 27.98 -16.42 14.27
N SER A 13 29.17 -16.08 14.75
CA SER A 13 30.40 -16.59 14.15
C SER A 13 30.64 -18.04 14.54
N HIS A 14 30.14 -18.43 15.71
CA HIS A 14 30.37 -19.78 16.22
C HIS A 14 29.26 -20.80 15.92
N VAL A 15 28.17 -20.37 15.30
CA VAL A 15 27.04 -21.27 15.03
C VAL A 15 26.97 -21.64 13.55
N PRO A 16 27.09 -22.95 13.24
CA PRO A 16 26.93 -23.38 11.84
C PRO A 16 25.55 -23.04 11.26
N PHE A 17 25.54 -22.69 9.98
CA PHE A 17 24.30 -22.41 9.26
C PHE A 17 23.46 -23.68 9.15
N ALA A 18 24.13 -24.83 9.17
CA ALA A 18 23.47 -26.12 9.04
C ALA A 18 22.53 -26.40 10.22
N ASP A 19 22.91 -25.95 11.41
CA ASP A 19 22.07 -26.13 12.59
C ASP A 19 20.80 -25.29 12.46
N LEU A 20 20.97 -24.05 12.01
CA LEU A 20 19.84 -23.18 11.74
C LEU A 20 18.92 -23.84 10.71
N CYS A 21 19.50 -24.32 9.62
CA CYS A 21 18.74 -25.05 8.61
C CYS A 21 18.07 -26.29 9.18
N SER A 22 18.75 -26.95 10.11
CA SER A 22 18.20 -28.11 10.79
C SER A 22 16.93 -27.69 11.53
N THR A 23 17.06 -26.65 12.33
CA THR A 23 15.92 -26.09 13.05
C THR A 23 14.78 -25.72 12.10
N LEU A 24 15.12 -25.02 11.01
CA LEU A 24 14.11 -24.63 10.03
C LEU A 24 13.42 -25.84 9.41
N GLU A 25 14.20 -26.89 9.16
CA GLU A 25 13.64 -28.13 8.62
C GLU A 25 12.68 -28.76 9.63
N ARG A 26 13.16 -28.89 10.87
CA ARG A 26 12.33 -29.41 11.96
C ARG A 26 11.04 -28.60 12.11
N ILE A 27 11.15 -27.28 11.96
CA ILE A 27 9.99 -26.41 12.03
C ILE A 27 9.07 -26.63 10.84
N GLN A 28 9.64 -26.76 9.65
CA GLN A 28 8.85 -26.92 8.45
C GLN A 28 8.06 -28.22 8.47
N LYS A 29 8.72 -29.32 8.81
CA LYS A 29 8.06 -30.63 8.77
C LYS A 29 7.11 -30.87 9.96
N SER A 30 7.15 -30.00 10.96
CA SER A 30 6.27 -30.14 12.13
C SER A 30 4.81 -29.86 11.75
N LYS A 31 3.90 -30.69 12.25
CA LYS A 31 2.49 -30.60 11.89
C LYS A 31 1.76 -29.46 12.61
N GLY A 32 1.91 -29.37 13.93
CA GLY A 32 1.11 -28.49 14.75
C GLY A 32 1.85 -27.20 15.14
N ARG A 33 1.08 -26.28 15.71
CA ARG A 33 1.65 -24.99 16.09
C ARG A 33 2.69 -25.15 17.18
N ALA A 34 2.52 -26.13 18.06
CA ALA A 34 3.39 -26.18 19.23
C ALA A 34 4.75 -26.77 18.90
N GLU A 35 4.78 -27.89 18.18
CA GLU A 35 6.05 -28.52 17.83
C GLU A 35 7.01 -27.50 17.19
N LYS A 36 6.49 -26.77 16.21
CA LYS A 36 7.23 -25.71 15.55
C LYS A 36 7.80 -24.77 16.61
N ILE A 37 6.91 -24.27 17.46
CA ILE A 37 7.29 -23.41 18.58
C ILE A 37 8.37 -24.08 19.43
N ARG A 38 8.21 -25.38 19.67
CA ARG A 38 9.15 -26.12 20.51
C ARG A 38 10.55 -26.12 19.91
N HIS A 39 10.65 -26.53 18.64
CA HIS A 39 11.94 -26.55 17.98
C HIS A 39 12.58 -25.15 17.96
N PHE A 40 11.82 -24.15 17.57
CA PHE A 40 12.34 -22.79 17.64
C PHE A 40 12.85 -22.49 19.04
N ARG A 41 11.99 -22.66 20.04
CA ARG A 41 12.42 -22.45 21.42
C ARG A 41 13.74 -23.18 21.69
N GLU A 42 13.83 -24.45 21.27
CA GLU A 42 15.06 -25.22 21.45
C GLU A 42 16.26 -24.46 20.92
N PHE A 43 16.18 -24.03 19.66
CA PHE A 43 17.26 -23.27 19.03
C PHE A 43 17.57 -21.97 19.79
N LEU A 44 16.54 -21.18 20.03
CA LEU A 44 16.71 -19.89 20.71
C LEU A 44 17.37 -20.03 22.08
N ASP A 45 16.85 -20.95 22.89
CA ASP A 45 17.39 -21.20 24.22
C ASP A 45 18.86 -21.60 24.12
N SER A 46 19.17 -22.53 23.22
CA SER A 46 20.56 -22.89 22.98
C SER A 46 21.41 -21.66 22.68
N TRP A 47 20.93 -20.84 21.74
CA TRP A 47 21.63 -19.61 21.38
C TRP A 47 21.87 -18.71 22.59
N ARG A 48 20.84 -18.47 23.38
CA ARG A 48 20.96 -17.61 24.55
C ARG A 48 21.97 -18.17 25.56
N LYS A 49 21.90 -19.48 25.80
CA LYS A 49 22.89 -20.14 26.65
C LYS A 49 24.31 -19.88 26.13
N PHE A 50 24.52 -20.16 24.85
CA PHE A 50 25.82 -19.89 24.22
C PHE A 50 26.23 -18.44 24.45
N HIS A 51 25.32 -17.50 24.18
CA HIS A 51 25.60 -16.08 24.38
C HIS A 51 26.13 -15.82 25.79
N ASP A 52 25.35 -16.27 26.78
CA ASP A 52 25.74 -16.14 28.18
C ASP A 52 27.13 -16.71 28.42
N ALA A 53 27.39 -17.92 27.92
CA ALA A 53 28.72 -18.52 28.08
C ALA A 53 29.82 -17.68 27.45
N LEU A 54 29.62 -17.31 26.20
CA LEU A 54 30.63 -16.62 25.40
C LEU A 54 31.00 -15.26 25.98
N HIS A 55 30.00 -14.42 26.24
CA HIS A 55 30.32 -13.04 26.61
C HIS A 55 30.78 -12.89 28.06
N LYS A 56 30.26 -13.73 28.96
CA LYS A 56 30.68 -13.71 30.36
C LYS A 56 30.44 -12.34 30.99
N ASP A 60 30.09 -4.08 28.11
CA ASP A 60 29.40 -3.62 26.91
C ASP A 60 29.20 -4.79 25.94
N VAL A 61 27.94 -5.16 25.71
CA VAL A 61 27.61 -6.25 24.81
C VAL A 61 26.59 -5.82 23.75
N THR A 62 27.04 -5.74 22.50
CA THR A 62 26.13 -5.45 21.38
C THR A 62 25.60 -6.68 20.66
N ASP A 63 26.13 -7.86 20.99
CA ASP A 63 25.77 -9.07 20.27
C ASP A 63 24.37 -9.54 20.68
N SER A 64 23.68 -10.18 19.73
CA SER A 64 22.33 -10.64 19.98
C SER A 64 21.92 -11.71 18.96
N PHE A 65 20.65 -12.09 19.01
CA PHE A 65 20.12 -13.15 18.14
C PHE A 65 19.92 -12.64 16.71
N TYR A 66 20.07 -11.33 16.53
CA TYR A 66 19.77 -10.65 15.26
C TYR A 66 20.33 -11.34 14.02
N PRO A 67 21.59 -11.81 14.07
CA PRO A 67 22.12 -12.48 12.88
C PRO A 67 21.30 -13.70 12.48
N ALA A 68 20.71 -14.39 13.46
CA ALA A 68 19.83 -15.51 13.15
C ALA A 68 18.45 -15.00 12.73
N MET A 69 17.91 -14.08 13.54
CA MET A 69 16.54 -13.62 13.40
C MET A 69 16.30 -13.10 11.99
N ARG A 70 17.17 -12.23 11.54
CA ARG A 70 17.07 -11.64 10.21
C ARG A 70 16.99 -12.73 9.15
N LEU A 71 17.59 -13.89 9.41
CA LEU A 71 17.48 -15.01 8.48
C LEU A 71 16.17 -15.75 8.69
N ILE A 72 15.65 -15.72 9.92
CA ILE A 72 14.43 -16.45 10.26
C ILE A 72 13.21 -15.65 9.78
N LEU A 73 13.33 -14.33 9.82
CA LEU A 73 12.27 -13.43 9.40
C LEU A 73 12.81 -12.48 8.34
N PRO A 74 13.18 -13.03 7.16
CA PRO A 74 13.83 -12.25 6.10
C PRO A 74 12.94 -11.17 5.51
N GLN A 75 11.62 -11.27 5.71
CA GLN A 75 10.70 -10.24 5.25
C GLN A 75 10.85 -8.96 6.07
N LEU A 76 11.45 -9.08 7.25
CA LEU A 76 11.68 -7.94 8.12
C LEU A 76 13.06 -7.33 7.91
N GLU A 77 13.83 -7.87 6.97
CA GLU A 77 15.15 -7.33 6.66
C GLU A 77 15.04 -5.89 6.19
N ARG A 78 15.81 -5.02 6.84
CA ARG A 78 15.79 -3.59 6.61
C ARG A 78 17.22 -3.15 6.34
N GLU A 79 18.11 -3.35 7.32
CA GLU A 79 19.51 -2.97 7.20
C GLU A 79 20.10 -3.37 5.85
N ARG A 80 19.83 -4.59 5.39
CA ARG A 80 20.32 -5.04 4.09
C ARG A 80 19.40 -4.58 2.97
N MET A 81 19.99 -3.99 1.93
CA MET A 81 19.21 -3.53 0.79
C MET A 81 18.76 -4.71 -0.07
N ALA A 82 18.03 -4.42 -1.14
CA ALA A 82 17.44 -5.45 -1.98
C ALA A 82 18.52 -6.27 -2.69
N TYR A 83 18.25 -7.56 -2.86
CA TYR A 83 19.18 -8.47 -3.53
C TYR A 83 19.17 -8.27 -5.03
N GLY A 84 18.01 -7.88 -5.57
CA GLY A 84 17.84 -7.75 -7.01
C GLY A 84 17.69 -9.10 -7.66
N ILE A 85 17.17 -10.08 -6.91
CA ILE A 85 17.04 -11.45 -7.39
C ILE A 85 15.72 -12.11 -6.99
N LYS A 86 15.05 -12.70 -7.96
CA LYS A 86 13.87 -13.53 -7.76
C LYS A 86 14.13 -14.89 -8.41
N GLU A 87 13.08 -15.71 -8.47
CA GLU A 87 13.22 -17.11 -8.85
C GLU A 87 13.87 -17.26 -10.22
N THR A 88 13.49 -16.41 -11.18
CA THR A 88 13.98 -16.59 -12.54
C THR A 88 15.47 -16.24 -12.64
N MET A 89 15.86 -15.05 -12.16
CA MET A 89 17.26 -14.63 -12.18
C MET A 89 18.14 -15.63 -11.41
N LEU A 90 17.62 -16.17 -10.31
CA LEU A 90 18.34 -17.21 -9.59
C LEU A 90 18.54 -18.45 -10.47
N ALA A 91 17.47 -18.90 -11.13
CA ALA A 91 17.60 -20.00 -12.08
C ALA A 91 18.65 -19.69 -13.14
N LYS A 92 18.59 -18.47 -13.69
CA LYS A 92 19.57 -18.09 -14.70
C LYS A 92 20.98 -18.06 -14.11
N LEU A 93 21.10 -17.58 -12.87
CA LEU A 93 22.37 -17.54 -12.19
C LEU A 93 22.91 -18.95 -11.88
N TYR A 94 22.04 -19.82 -11.38
CA TYR A 94 22.42 -21.17 -10.97
C TYR A 94 22.86 -22.05 -12.14
N ILE A 95 22.09 -22.02 -13.22
CA ILE A 95 22.31 -22.86 -14.39
C ILE A 95 23.70 -22.64 -14.97
N GLU A 96 24.19 -21.41 -14.88
CA GLU A 96 25.49 -21.06 -15.43
C GLU A 96 26.63 -21.69 -14.62
N LEU A 97 26.53 -21.65 -13.30
CA LEU A 97 27.61 -22.09 -12.42
C LEU A 97 27.83 -23.60 -12.49
N LEU A 98 26.75 -24.36 -12.35
CA LEU A 98 26.83 -25.82 -12.40
C LEU A 98 27.10 -26.31 -13.82
N ASN A 99 26.96 -25.40 -14.79
CA ASN A 99 27.18 -25.73 -16.20
C ASN A 99 26.23 -26.82 -16.68
N LEU A 100 24.96 -26.71 -16.29
CA LEU A 100 23.95 -27.66 -16.73
C LEU A 100 23.71 -27.46 -18.22
N PRO A 101 23.21 -28.50 -18.91
CA PRO A 101 22.89 -28.33 -20.33
C PRO A 101 21.88 -27.20 -20.52
N ARG A 102 22.17 -26.32 -21.48
CA ARG A 102 21.33 -25.14 -21.71
C ARG A 102 19.88 -25.54 -21.96
N ASP A 103 19.69 -26.56 -22.79
CA ASP A 103 18.37 -27.08 -23.12
C ASP A 103 17.92 -28.25 -22.22
N GLY A 104 18.78 -28.66 -21.28
CA GLY A 104 18.54 -29.88 -20.51
C GLY A 104 17.27 -29.87 -19.67
N LYS A 105 16.90 -31.06 -19.20
CA LYS A 105 15.69 -31.24 -18.40
C LYS A 105 15.73 -30.45 -17.09
N ASP A 106 16.82 -30.61 -16.33
CA ASP A 106 16.97 -29.90 -15.06
C ASP A 106 16.83 -28.40 -15.26
N ALA A 107 17.60 -27.87 -16.22
CA ALA A 107 17.55 -26.45 -16.55
C ALA A 107 16.15 -26.02 -16.96
N LEU A 108 15.44 -26.90 -17.64
CA LEU A 108 14.07 -26.65 -18.07
C LEU A 108 13.11 -26.63 -16.88
N LYS A 109 13.34 -27.55 -15.94
CA LYS A 109 12.52 -27.64 -14.74
C LYS A 109 12.71 -26.39 -13.89
N LEU A 110 13.97 -25.99 -13.72
CA LEU A 110 14.30 -24.72 -13.10
C LEU A 110 13.60 -23.57 -13.83
N LEU A 111 13.92 -23.40 -15.10
CA LEU A 111 13.41 -22.29 -15.91
C LEU A 111 11.90 -22.08 -15.74
N ASN A 112 11.07 -23.02 -16.16
CA ASN A 112 9.65 -22.94 -15.83
C ASN A 112 9.36 -23.93 -14.71
N TYR A 113 9.14 -23.38 -13.52
CA TYR A 113 8.82 -24.16 -12.33
C TYR A 113 7.32 -24.24 -12.06
N ARG A 114 6.55 -23.46 -12.81
CA ARG A 114 5.13 -23.32 -12.55
C ARG A 114 4.33 -24.29 -13.39
N ASP A 125 7.13 -24.81 -6.96
CA ASP A 125 7.94 -24.51 -5.79
C ASP A 125 9.42 -24.46 -6.18
N PHE A 126 9.89 -23.27 -6.55
CA PHE A 126 11.24 -23.12 -7.09
C PHE A 126 12.33 -23.61 -6.13
N ALA A 127 12.14 -23.32 -4.85
CA ALA A 127 13.08 -23.79 -3.82
C ALA A 127 13.25 -25.30 -3.88
N MET A 128 12.17 -26.02 -3.62
CA MET A 128 12.16 -27.48 -3.66
C MET A 128 12.68 -28.04 -4.99
N ILE A 129 12.15 -27.53 -6.10
CA ILE A 129 12.58 -27.96 -7.42
C ILE A 129 14.09 -27.73 -7.56
N ALA A 130 14.57 -26.61 -7.03
CA ALA A 130 15.99 -26.32 -7.05
C ALA A 130 16.75 -27.24 -6.08
N TYR A 131 16.08 -27.64 -5.00
CA TYR A 131 16.69 -28.55 -4.04
C TYR A 131 16.92 -29.92 -4.67
N PHE A 132 15.90 -30.45 -5.35
CA PHE A 132 16.02 -31.76 -5.98
C PHE A 132 17.05 -31.80 -7.11
N VAL A 133 17.28 -30.65 -7.76
CA VAL A 133 18.24 -30.59 -8.85
C VAL A 133 19.67 -30.56 -8.33
N LEU A 134 19.87 -29.91 -7.18
CA LEU A 134 21.19 -29.76 -6.60
C LEU A 134 21.56 -30.91 -5.67
N LYS A 135 20.62 -31.83 -5.46
CA LYS A 135 20.87 -32.98 -4.58
C LYS A 135 22.06 -33.82 -5.07
N PRO A 136 22.01 -34.33 -6.31
CA PRO A 136 23.15 -35.08 -6.83
C PRO A 136 24.37 -34.20 -7.13
N ARG A 137 24.13 -32.94 -7.48
CA ARG A 137 25.20 -32.03 -7.91
C ARG A 137 26.04 -31.45 -6.78
N CYS A 138 25.40 -31.15 -5.65
CA CYS A 138 26.06 -30.45 -4.55
C CYS A 138 27.14 -31.27 -3.87
N LEU A 139 28.03 -30.55 -3.19
CA LEU A 139 29.08 -31.16 -2.40
C LEU A 139 28.50 -31.87 -1.16
N GLN A 140 29.33 -32.72 -0.56
CA GLN A 140 28.92 -33.55 0.57
C GLN A 140 28.19 -32.77 1.66
N LYS A 141 28.73 -31.63 2.08
CA LYS A 141 28.01 -30.75 3.00
C LYS A 141 28.77 -29.47 3.33
N GLY A 142 28.03 -28.49 3.84
CA GLY A 142 28.56 -27.17 4.06
C GLY A 142 29.28 -26.89 5.37
N SER A 143 30.35 -26.08 5.27
CA SER A 143 31.09 -25.62 6.44
C SER A 143 30.73 -24.22 6.98
N LEU A 144 29.84 -23.47 6.33
CA LEU A 144 29.67 -22.04 6.66
C LEU A 144 28.85 -21.80 7.92
N THR A 145 29.19 -20.71 8.62
CA THR A 145 28.43 -20.29 9.80
C THR A 145 27.34 -19.31 9.41
N ILE A 146 26.57 -18.85 10.38
CA ILE A 146 25.49 -17.91 10.13
C ILE A 146 26.03 -16.53 9.74
N GLN A 147 27.09 -16.10 10.42
CA GLN A 147 27.68 -14.79 10.17
C GLN A 147 28.28 -14.70 8.78
N GLN A 148 28.95 -15.77 8.35
CA GLN A 148 29.52 -15.84 7.01
C GLN A 148 28.42 -15.66 5.96
N VAL A 149 27.35 -16.41 6.14
CA VAL A 149 26.17 -16.28 5.29
C VAL A 149 25.70 -14.83 5.29
N ASN A 150 25.51 -14.27 6.48
CA ASN A 150 25.12 -12.87 6.60
C ASN A 150 26.03 -11.93 5.83
N ASP A 151 27.34 -12.15 5.95
CA ASP A 151 28.33 -11.31 5.27
C ASP A 151 28.22 -11.44 3.75
N LEU A 152 28.08 -12.67 3.27
CA LEU A 152 27.96 -12.89 1.83
C LEU A 152 26.65 -12.30 1.28
N LEU A 153 25.56 -12.47 2.02
CA LEU A 153 24.30 -11.84 1.64
C LEU A 153 24.45 -10.31 1.61
N ASP A 154 25.10 -9.77 2.64
CA ASP A 154 25.46 -8.36 2.67
C ASP A 154 26.20 -7.97 1.40
N SER A 155 27.20 -8.78 1.05
CA SER A 155 27.98 -8.54 -0.17
C SER A 155 27.09 -8.50 -1.40
N ILE A 156 26.23 -9.50 -1.57
CA ILE A 156 25.31 -9.50 -2.69
C ILE A 156 24.47 -8.22 -2.73
N ALA A 157 23.80 -7.91 -1.63
CA ALA A 157 22.96 -6.71 -1.58
C ALA A 157 23.75 -5.45 -1.95
N SER A 158 24.91 -5.31 -1.33
CA SER A 158 25.79 -4.17 -1.57
C SER A 158 26.15 -4.06 -3.05
N ASN A 159 26.66 -5.16 -3.61
CA ASN A 159 27.04 -5.18 -5.02
C ASN A 159 25.84 -4.90 -5.94
N ASN A 160 24.66 -5.35 -5.54
CA ASN A 160 23.46 -4.99 -6.28
C ASN A 160 23.20 -3.49 -6.23
N SER A 161 23.28 -2.90 -5.05
CA SER A 161 23.11 -1.46 -4.91
C SER A 161 24.09 -0.66 -5.76
N ALA A 162 25.30 -1.19 -5.94
CA ALA A 162 26.35 -0.51 -6.70
C ALA A 162 26.25 -0.79 -8.19
N LYS A 163 25.27 -1.61 -8.57
CA LYS A 163 25.06 -1.96 -9.98
C LYS A 163 26.26 -2.68 -10.60
N ARG A 164 26.87 -3.59 -9.85
CA ARG A 164 27.88 -4.48 -10.41
C ARG A 164 27.46 -5.94 -10.23
N LYS A 165 27.18 -6.60 -11.34
CA LYS A 165 26.74 -8.00 -11.34
C LYS A 165 27.91 -8.97 -11.23
N ASP A 166 29.03 -8.59 -11.84
CA ASP A 166 30.21 -9.42 -11.87
C ASP A 166 30.63 -9.84 -10.46
N LEU A 167 30.46 -8.93 -9.49
CA LEU A 167 30.79 -9.25 -8.10
C LEU A 167 29.70 -10.09 -7.42
N ILE A 168 28.45 -9.83 -7.80
CA ILE A 168 27.32 -10.61 -7.29
C ILE A 168 27.51 -12.08 -7.63
N LYS A 169 27.85 -12.33 -8.90
CA LYS A 169 28.14 -13.69 -9.34
C LYS A 169 29.18 -14.35 -8.42
N LYS A 170 30.25 -13.61 -8.14
CA LYS A 170 31.33 -14.09 -7.28
C LYS A 170 30.82 -14.43 -5.88
N SER A 171 30.18 -13.45 -5.24
CA SER A 171 29.66 -13.65 -3.89
C SER A 171 28.70 -14.86 -3.82
N LEU A 172 27.74 -14.89 -4.73
CA LEU A 172 26.79 -15.99 -4.78
C LEU A 172 27.52 -17.31 -5.02
N LEU A 173 28.52 -17.29 -5.88
CA LEU A 173 29.35 -18.47 -6.12
C LEU A 173 30.03 -18.94 -4.82
N GLN A 174 30.65 -18.01 -4.10
CA GLN A 174 31.22 -18.33 -2.80
C GLN A 174 30.17 -18.94 -1.87
N LEU A 175 28.97 -18.36 -1.85
CA LEU A 175 27.87 -18.93 -1.08
C LEU A 175 27.54 -20.37 -1.51
N ILE A 176 27.43 -20.60 -2.81
CA ILE A 176 27.07 -21.92 -3.32
C ILE A 176 28.14 -22.96 -3.03
N THR A 177 29.41 -22.62 -3.25
CA THR A 177 30.49 -23.59 -3.11
C THR A 177 30.57 -24.20 -1.70
N GLN A 178 30.31 -23.41 -0.67
CA GLN A 178 30.58 -23.87 0.69
C GLN A 178 29.37 -24.49 1.41
N SER A 179 28.24 -24.66 0.72
CA SER A 179 27.01 -25.16 1.34
C SER A 179 26.43 -26.48 0.76
N SER A 180 25.74 -27.22 1.62
CA SER A 180 24.96 -28.40 1.23
C SER A 180 23.67 -28.01 0.52
N ALA A 181 23.09 -28.95 -0.22
CA ALA A 181 21.83 -28.73 -0.94
C ALA A 181 20.74 -28.16 -0.04
N LEU A 182 20.55 -28.78 1.12
CA LEU A 182 19.58 -28.34 2.12
C LEU A 182 19.85 -26.92 2.60
N GLU A 183 21.12 -26.60 2.89
CA GLU A 183 21.50 -25.24 3.29
C GLU A 183 21.16 -24.23 2.21
N GLN A 184 21.24 -24.62 0.94
CA GLN A 184 20.95 -23.73 -0.17
C GLN A 184 19.45 -23.61 -0.44
N LYS A 185 18.70 -24.72 -0.36
CA LYS A 185 17.24 -24.60 -0.40
C LYS A 185 16.75 -23.57 0.61
N TRP A 186 17.44 -23.50 1.76
CA TRP A 186 17.15 -22.49 2.76
C TRP A 186 17.67 -21.13 2.35
N LEU A 187 18.89 -21.09 1.82
CA LEU A 187 19.47 -19.82 1.38
C LEU A 187 18.61 -19.20 0.30
N ILE A 188 18.21 -20.03 -0.67
CA ILE A 188 17.29 -19.60 -1.71
C ILE A 188 16.05 -19.02 -1.08
N ARG A 189 15.42 -19.78 -0.18
CA ARG A 189 14.23 -19.29 0.49
C ARG A 189 14.49 -18.04 1.32
N MET A 190 15.72 -17.85 1.78
CA MET A 190 16.09 -16.60 2.45
C MET A 190 16.30 -15.46 1.46
N ILE A 191 16.76 -15.78 0.24
CA ILE A 191 16.93 -14.76 -0.80
C ILE A 191 15.59 -14.31 -1.36
N ILE A 192 14.71 -15.27 -1.61
CA ILE A 192 13.34 -14.98 -2.04
C ILE A 192 12.58 -14.29 -0.92
N LYS A 193 13.10 -14.44 0.30
CA LYS A 193 12.52 -13.86 1.51
C LYS A 193 11.13 -14.44 1.80
N ASP A 194 10.92 -15.71 1.44
CA ASP A 194 9.79 -16.48 1.96
C ASP A 194 10.27 -17.86 2.44
N LEU A 195 10.20 -18.11 3.74
CA LEU A 195 10.61 -19.42 4.29
C LEU A 195 9.52 -20.51 4.29
N LYS A 196 8.25 -20.11 4.24
CA LYS A 196 7.13 -21.06 4.31
C LYS A 196 7.24 -22.04 5.48
N LEU A 197 7.47 -21.52 6.68
CA LEU A 197 7.62 -22.38 7.87
C LEU A 197 6.29 -22.86 8.42
N GLY A 198 5.21 -22.15 8.11
CA GLY A 198 3.89 -22.51 8.60
C GLY A 198 3.60 -21.95 9.97
N VAL A 199 4.36 -20.92 10.35
CA VAL A 199 4.18 -20.25 11.64
C VAL A 199 4.33 -18.74 11.47
N SER A 200 3.38 -17.99 12.01
CA SER A 200 3.34 -16.54 11.82
C SER A 200 4.47 -15.84 12.57
N GLN A 201 4.81 -14.63 12.14
CA GLN A 201 5.92 -13.90 12.74
C GLN A 201 5.62 -13.52 14.19
N GLN A 202 4.34 -13.31 14.49
CA GLN A 202 3.95 -12.95 15.85
C GLN A 202 4.11 -14.13 16.81
N THR A 203 4.03 -15.35 16.27
CA THR A 203 4.33 -16.53 17.06
C THR A 203 5.81 -16.51 17.43
N ILE A 204 6.67 -16.33 16.43
CA ILE A 204 8.10 -16.21 16.66
C ILE A 204 8.38 -15.14 17.70
N PHE A 205 7.77 -13.97 17.50
CA PHE A 205 7.94 -12.86 18.43
C PHE A 205 7.45 -13.21 19.83
N SER A 206 6.29 -13.88 19.91
CA SER A 206 5.76 -14.29 21.21
C SER A 206 6.72 -15.25 21.90
N VAL A 207 7.32 -16.15 21.13
CA VAL A 207 8.30 -17.07 21.68
C VAL A 207 9.56 -16.33 22.13
N PHE A 208 10.08 -15.43 21.29
CA PHE A 208 11.31 -14.72 21.63
C PHE A 208 11.15 -13.86 22.88
N HIS A 209 10.20 -12.93 22.86
CA HIS A 209 9.94 -12.09 24.01
C HIS A 209 8.48 -11.64 24.05
N ASN A 210 7.94 -11.44 25.25
CA ASN A 210 6.55 -11.03 25.39
C ASN A 210 6.28 -9.65 24.78
N ASP A 211 7.27 -8.78 24.85
CA ASP A 211 7.15 -7.42 24.33
C ASP A 211 7.68 -7.25 22.90
N ALA A 212 8.12 -8.36 22.28
CA ALA A 212 8.77 -8.31 20.97
C ALA A 212 7.92 -7.63 19.91
N ALA A 213 6.68 -8.09 19.76
CA ALA A 213 5.76 -7.50 18.79
C ALA A 213 5.59 -6.01 19.06
N GLU A 214 5.26 -5.69 20.31
CA GLU A 214 5.04 -4.32 20.74
C GLU A 214 6.22 -3.42 20.38
N LEU A 215 7.43 -3.91 20.63
CA LEU A 215 8.62 -3.12 20.34
C LEU A 215 8.90 -3.05 18.85
N HIS A 216 8.62 -4.13 18.13
CA HIS A 216 8.86 -4.13 16.69
C HIS A 216 7.92 -3.16 16.00
N ASN A 217 6.67 -3.10 16.45
CA ASN A 217 5.66 -2.20 15.89
C ASN A 217 6.08 -0.75 15.91
N VAL A 218 6.87 -0.32 16.91
CA VAL A 218 7.38 1.07 16.95
C VAL A 218 8.87 1.20 16.62
N THR A 219 9.54 0.13 16.20
CA THR A 219 10.90 0.26 15.68
C THR A 219 10.96 -0.12 14.22
N THR A 220 10.41 -1.28 13.88
CA THR A 220 10.59 -1.89 12.57
C THR A 220 12.08 -2.06 12.31
N ASP A 221 12.79 -2.43 13.38
CA ASP A 221 14.22 -2.71 13.35
C ASP A 221 14.45 -4.03 14.07
N LEU A 222 14.80 -5.08 13.32
CA LEU A 222 14.91 -6.38 13.97
C LEU A 222 16.06 -6.39 14.95
N GLU A 223 17.16 -5.74 14.58
CA GLU A 223 18.35 -5.71 15.43
C GLU A 223 18.06 -4.96 16.74
N LYS A 224 17.30 -3.88 16.65
CA LYS A 224 16.85 -3.16 17.85
C LYS A 224 16.11 -4.12 18.78
N VAL A 225 15.10 -4.79 18.21
CA VAL A 225 14.27 -5.72 18.95
C VAL A 225 15.11 -6.84 19.57
N CYS A 226 16.04 -7.39 18.80
CA CYS A 226 16.88 -8.49 19.27
C CYS A 226 17.88 -8.05 20.33
N ARG A 227 18.41 -6.83 20.20
CA ARG A 227 19.37 -6.33 21.18
C ARG A 227 18.68 -5.91 22.48
N GLN A 228 17.55 -5.21 22.37
CA GLN A 228 16.87 -4.68 23.55
C GLN A 228 16.22 -5.76 24.42
N LEU A 229 15.55 -6.70 23.76
CA LEU A 229 14.75 -7.71 24.44
C LEU A 229 15.52 -9.01 24.73
N HIS A 230 16.83 -9.00 24.50
CA HIS A 230 17.68 -10.19 24.58
C HIS A 230 17.38 -11.09 25.79
N ASP A 231 17.11 -10.48 26.95
CA ASP A 231 16.77 -11.24 28.15
C ASP A 231 15.26 -11.49 28.21
N PRO A 232 14.83 -12.77 28.19
CA PRO A 232 13.38 -13.02 28.18
C PRO A 232 12.68 -12.62 29.48
N SER A 233 13.42 -12.57 30.58
CA SER A 233 12.85 -12.16 31.87
C SER A 233 12.69 -10.64 31.98
N VAL A 234 13.66 -9.91 31.44
CA VAL A 234 13.65 -8.45 31.47
C VAL A 234 12.67 -7.88 30.44
N GLY A 235 12.21 -6.65 30.64
CA GLY A 235 11.29 -6.01 29.71
C GLY A 235 11.42 -4.50 29.68
N LEU A 236 10.93 -3.88 28.62
CA LEU A 236 10.97 -2.42 28.50
C LEU A 236 9.89 -1.74 29.33
N SER A 237 10.17 -0.49 29.72
CA SER A 237 9.26 0.27 30.58
C SER A 237 8.26 1.05 29.72
N ASP A 238 8.72 2.12 29.07
CA ASP A 238 7.89 2.92 28.20
C ASP A 238 8.23 2.61 26.76
N ILE A 239 7.28 1.97 26.09
CA ILE A 239 7.37 1.70 24.67
C ILE A 239 6.50 2.70 23.94
N SER A 240 7.03 3.28 22.87
CA SER A 240 6.32 4.29 22.12
C SER A 240 7.11 4.73 20.90
N ILE A 241 6.47 5.56 20.09
CA ILE A 241 7.09 6.14 18.90
C ILE A 241 8.38 6.88 19.26
N THR A 242 9.43 6.62 18.49
CA THR A 242 10.71 7.29 18.68
C THR A 242 10.98 8.15 17.44
N LEU A 243 12.05 8.92 17.46
CA LEU A 243 12.45 9.71 16.30
C LEU A 243 13.41 8.89 15.44
N PHE A 244 13.23 8.97 14.12
CA PHE A 244 14.06 8.22 13.18
C PHE A 244 13.94 6.71 13.43
N SER A 245 12.80 6.30 13.98
CA SER A 245 12.46 4.89 14.13
C SER A 245 11.10 4.63 13.50
N ALA A 246 11.06 3.76 12.50
CA ALA A 246 9.84 3.52 11.74
C ALA A 246 8.79 2.79 12.58
N PHE A 247 7.60 3.37 12.69
CA PHE A 247 6.52 2.71 13.40
C PHE A 247 5.50 2.19 12.41
N LYS A 248 4.93 1.03 12.69
CA LYS A 248 3.89 0.48 11.84
C LYS A 248 2.64 1.37 11.97
N PRO A 249 2.22 2.01 10.87
CA PRO A 249 1.10 2.95 10.96
C PRO A 249 -0.19 2.32 11.48
N MET A 250 -1.03 3.15 12.11
CA MET A 250 -2.35 2.70 12.51
C MET A 250 -3.24 2.59 11.29
N LEU A 251 -4.09 1.56 11.27
CA LEU A 251 -4.91 1.26 10.11
C LEU A 251 -6.39 1.42 10.43
N ALA A 252 -7.24 1.19 9.43
CA ALA A 252 -8.67 1.34 9.58
C ALA A 252 -9.41 0.09 9.11
N ALA A 253 -10.27 -0.44 9.98
CA ALA A 253 -11.12 -1.55 9.60
C ALA A 253 -12.28 -1.06 8.76
N ILE A 254 -12.85 -1.95 7.97
CA ILE A 254 -14.04 -1.62 7.20
C ILE A 254 -15.23 -1.67 8.15
N ALA A 255 -15.87 -0.52 8.34
CA ALA A 255 -17.16 -0.50 9.01
C ALA A 255 -18.22 -1.09 8.09
N ASP A 256 -19.27 -1.65 8.69
CA ASP A 256 -20.35 -2.24 7.91
C ASP A 256 -21.52 -1.27 7.90
N ILE A 257 -21.68 -0.56 6.78
CA ILE A 257 -22.95 0.01 6.36
C ILE A 257 -23.70 0.64 7.52
N GLU A 258 -24.92 0.15 7.78
CA GLU A 258 -25.86 0.85 8.65
C GLU A 258 -25.39 0.93 10.09
N HIS A 259 -24.52 0.02 10.51
CA HIS A 259 -24.16 -0.08 11.91
C HIS A 259 -23.30 1.08 12.40
N ILE A 260 -22.95 2.02 11.52
CA ILE A 260 -21.92 3.03 11.84
C ILE A 260 -22.23 3.72 13.17
N GLU A 261 -23.45 4.24 13.33
CA GLU A 261 -23.73 5.14 14.46
C GLU A 261 -23.28 4.57 15.80
N LYS A 262 -23.44 3.27 15.98
CA LYS A 262 -23.07 2.60 17.23
C LYS A 262 -21.56 2.45 17.38
N ASP A 263 -20.86 2.36 16.25
CA ASP A 263 -19.43 2.09 16.24
C ASP A 263 -18.62 3.34 16.51
N MET A 264 -19.25 4.51 16.42
CA MET A 264 -18.56 5.76 16.70
C MET A 264 -18.69 6.19 18.17
N LYS A 265 -19.31 5.34 18.99
CA LYS A 265 -19.47 5.60 20.43
C LYS A 265 -20.69 6.48 20.71
N HIS A 266 -21.35 6.90 19.63
CA HIS A 266 -22.54 7.77 19.64
C HIS A 266 -22.18 9.22 19.91
N GLN A 267 -20.92 9.47 20.29
CA GLN A 267 -20.46 10.84 20.47
C GLN A 267 -20.18 11.47 19.12
N SER A 268 -19.75 12.72 19.13
CA SER A 268 -19.35 13.39 17.89
C SER A 268 -18.11 12.71 17.34
N PHE A 269 -17.96 12.75 16.02
CA PHE A 269 -16.82 12.10 15.36
C PHE A 269 -16.35 12.87 14.15
N TYR A 270 -15.12 12.58 13.72
CA TYR A 270 -14.56 13.20 12.54
C TYR A 270 -14.87 12.36 11.29
N ILE A 271 -15.30 13.05 10.24
CA ILE A 271 -15.36 12.49 8.91
C ILE A 271 -14.27 13.20 8.10
N GLU A 272 -13.42 12.42 7.43
CA GLU A 272 -12.43 13.00 6.52
C GLU A 272 -12.29 12.15 5.27
N THR A 273 -11.61 12.71 4.28
CA THR A 273 -11.62 12.21 2.92
C THR A 273 -10.68 11.02 2.79
N LYS A 274 -11.02 10.04 1.96
CA LYS A 274 -10.20 8.82 1.87
C LYS A 274 -9.34 8.89 0.61
N LEU A 275 -8.06 9.21 0.81
CA LEU A 275 -7.12 9.58 -0.26
C LEU A 275 -6.49 8.33 -0.83
N ASP A 276 -6.26 8.25 -2.14
CA ASP A 276 -5.30 7.26 -2.58
C ASP A 276 -4.03 7.99 -2.89
N GLY A 277 -3.15 7.92 -1.90
CA GLY A 277 -1.75 8.25 -1.98
C GLY A 277 -0.93 7.02 -1.75
N GLU A 278 0.27 7.22 -1.22
CA GLU A 278 0.95 6.18 -0.47
C GLU A 278 1.12 6.61 1.00
N ARG A 279 1.19 5.65 1.92
CA ARG A 279 1.25 5.97 3.34
C ARG A 279 2.68 6.29 3.71
N MET A 280 2.92 7.51 4.19
CA MET A 280 4.27 7.98 4.45
C MET A 280 4.33 8.73 5.76
N GLN A 281 5.37 8.44 6.55
CA GLN A 281 5.61 9.16 7.79
C GLN A 281 6.95 9.88 7.72
N MET A 282 6.98 11.11 8.22
CA MET A 282 8.15 11.96 8.10
C MET A 282 8.75 12.33 9.46
N HIS A 283 10.01 11.94 9.66
CA HIS A 283 10.76 12.32 10.85
C HIS A 283 11.63 13.53 10.51
N LYS A 284 11.54 14.58 11.34
CA LYS A 284 12.23 15.83 11.10
C LYS A 284 13.01 16.29 12.32
N ASP A 285 14.28 16.60 12.11
CA ASP A 285 15.02 17.42 13.07
C ASP A 285 15.78 18.49 12.31
N GLY A 286 15.43 19.76 12.54
CA GLY A 286 16.11 20.85 11.87
C GLY A 286 16.09 20.68 10.36
N ASP A 287 17.28 20.69 9.76
CA ASP A 287 17.43 20.51 8.32
C ASP A 287 17.57 19.04 7.92
N VAL A 288 17.49 18.15 8.90
CA VAL A 288 17.59 16.70 8.67
C VAL A 288 16.21 16.05 8.64
N TYR A 289 16.00 15.21 7.61
CA TYR A 289 14.72 14.58 7.35
C TYR A 289 14.89 13.08 7.10
N LYS A 290 13.87 12.31 7.51
CA LYS A 290 13.79 10.89 7.20
C LYS A 290 12.34 10.55 6.91
N TYR A 291 12.12 9.76 5.85
CA TYR A 291 10.79 9.36 5.41
C TYR A 291 10.67 7.84 5.46
N PHE A 292 9.56 7.35 6.00
CA PHE A 292 9.31 5.92 6.07
C PHE A 292 7.95 5.53 5.52
N SER A 293 7.91 4.40 4.83
CA SER A 293 6.68 3.93 4.21
C SER A 293 5.87 3.07 5.18
N ARG A 294 4.83 2.45 4.63
CA ARG A 294 3.90 1.67 5.44
C ARG A 294 4.63 0.54 6.14
N ASN A 295 5.43 -0.19 5.39
CA ASN A 295 6.14 -1.37 5.88
C ASN A 295 7.51 -1.04 6.48
N GLY A 296 7.83 0.24 6.61
CA GLY A 296 9.02 0.66 7.32
C GLY A 296 10.25 0.81 6.45
N TYR A 297 10.05 0.93 5.15
CA TYR A 297 11.15 1.12 4.21
C TYR A 297 11.49 2.60 4.09
N ASN A 298 12.78 2.91 3.98
CA ASN A 298 13.25 4.29 3.95
C ASN A 298 13.34 4.85 2.53
N TYR A 299 12.48 5.82 2.23
CA TYR A 299 12.43 6.48 0.93
C TYR A 299 13.23 7.80 0.86
N THR A 300 13.95 8.13 1.95
CA THR A 300 14.57 9.46 2.11
C THR A 300 15.31 9.93 0.86
N ASP A 301 15.91 9.00 0.11
CA ASP A 301 16.59 9.34 -1.12
C ASP A 301 15.66 10.03 -2.12
N GLN A 302 14.37 9.73 -2.01
CA GLN A 302 13.37 10.26 -2.93
C GLN A 302 12.89 11.65 -2.50
N PHE A 303 12.24 11.72 -1.35
CA PHE A 303 11.65 12.97 -0.87
C PHE A 303 12.71 13.89 -0.27
N GLY A 304 13.90 13.32 -0.03
CA GLY A 304 15.09 14.08 0.32
C GLY A 304 15.39 14.13 1.82
N ALA A 305 16.68 14.13 2.15
CA ALA A 305 17.12 14.19 3.54
C ALA A 305 17.33 15.62 4.03
N SER A 306 17.40 16.56 3.09
CA SER A 306 17.75 17.94 3.40
C SER A 306 17.01 18.91 2.49
N PRO A 307 16.89 20.18 2.92
CA PRO A 307 16.22 21.20 2.10
C PRO A 307 16.87 21.39 0.72
N THR A 308 18.09 20.91 0.52
CA THR A 308 18.77 21.06 -0.77
C THR A 308 18.59 19.90 -1.75
N GLU A 309 17.88 18.85 -1.32
CA GLU A 309 17.71 17.66 -2.16
C GLU A 309 16.32 17.06 -2.00
N GLY A 310 15.89 16.31 -3.01
CA GLY A 310 14.64 15.58 -2.96
C GLY A 310 13.48 16.27 -3.67
N SER A 311 12.37 15.56 -3.79
CA SER A 311 11.20 16.05 -4.50
C SER A 311 10.25 16.85 -3.60
N LEU A 312 10.48 16.78 -2.29
CA LEU A 312 9.53 17.32 -1.32
C LEU A 312 10.19 18.28 -0.32
N THR A 313 11.11 17.76 0.49
CA THR A 313 11.68 18.49 1.63
C THR A 313 12.08 19.95 1.34
N PRO A 314 12.73 20.21 0.19
CA PRO A 314 13.11 21.58 -0.14
C PRO A 314 11.94 22.56 -0.15
N PHE A 315 10.81 22.09 -0.64
CA PHE A 315 9.63 22.93 -0.78
C PHE A 315 8.88 23.10 0.55
N ILE A 316 8.95 22.08 1.41
CA ILE A 316 8.25 22.11 2.68
C ILE A 316 9.09 22.56 3.87
N HIS A 317 10.37 22.85 3.65
CA HIS A 317 11.27 23.15 4.77
C HIS A 317 10.86 24.43 5.48
N ASN A 318 10.47 25.43 4.69
CA ASN A 318 10.07 26.73 5.23
C ASN A 318 8.58 26.77 5.58
N ALA A 319 7.90 25.64 5.40
CA ALA A 319 6.49 25.54 5.73
C ALA A 319 6.29 25.51 7.24
N PHE A 320 7.24 24.92 7.95
CA PHE A 320 7.14 24.75 9.39
C PHE A 320 7.24 26.07 10.14
N LYS A 321 6.68 26.10 11.35
CA LYS A 321 6.76 27.27 12.22
C LYS A 321 8.15 27.33 12.86
N ALA A 322 8.57 28.54 13.22
CA ALA A 322 9.94 28.79 13.68
C ALA A 322 10.31 28.03 14.95
N ASP A 323 9.32 27.73 15.79
CA ASP A 323 9.58 27.08 17.07
C ASP A 323 9.66 25.56 16.94
N ILE A 324 9.52 25.06 15.71
CA ILE A 324 9.54 23.62 15.47
C ILE A 324 10.96 23.15 15.17
N GLN A 325 11.50 22.34 16.08
CA GLN A 325 12.84 21.78 15.95
C GLN A 325 12.72 20.34 15.49
N ILE A 326 12.12 19.51 16.34
CA ILE A 326 11.94 18.09 16.07
C ILE A 326 10.46 17.79 15.84
N CYS A 327 10.17 16.96 14.83
CA CYS A 327 8.78 16.63 14.52
C CYS A 327 8.63 15.21 13.95
N ILE A 328 7.51 14.56 14.25
CA ILE A 328 7.13 13.32 13.58
C ILE A 328 5.72 13.44 13.00
N LEU A 329 5.61 13.22 11.69
CA LEU A 329 4.32 13.31 11.01
C LEU A 329 3.94 12.01 10.31
N ASP A 330 2.64 11.77 10.20
CA ASP A 330 2.10 10.63 9.48
C ASP A 330 1.02 11.10 8.53
N GLY A 331 1.17 10.77 7.25
CA GLY A 331 0.22 11.22 6.26
C GLY A 331 0.23 10.41 4.98
N GLU A 332 -0.54 10.89 4.00
CA GLU A 332 -0.70 10.22 2.72
C GLU A 332 -0.05 11.05 1.60
N MET A 333 0.99 10.50 1.00
CA MET A 333 1.72 11.18 -0.08
C MET A 333 0.95 11.08 -1.40
N MET A 334 0.68 12.26 -1.98
CA MET A 334 -0.14 12.41 -3.18
C MET A 334 0.62 13.10 -4.33
N ALA A 335 0.12 12.91 -5.56
CA ALA A 335 0.64 13.62 -6.73
C ALA A 335 -0.32 14.74 -7.15
N TYR A 336 0.18 15.97 -7.15
CA TYR A 336 -0.63 17.15 -7.37
C TYR A 336 -0.32 17.82 -8.70
N ASN A 337 -1.34 18.00 -9.53
CA ASN A 337 -1.21 18.68 -10.81
C ASN A 337 -1.34 20.20 -10.62
N PRO A 338 -0.26 20.96 -10.81
CA PRO A 338 -0.36 22.40 -10.61
C PRO A 338 -1.20 23.08 -11.69
N ASN A 339 -1.23 22.50 -12.87
CA ASN A 339 -2.01 23.05 -13.98
C ASN A 339 -3.50 22.97 -13.69
N THR A 340 -3.99 21.78 -13.31
CA THR A 340 -5.41 21.61 -13.10
C THR A 340 -5.86 21.90 -11.66
N GLN A 341 -4.90 22.09 -10.75
CA GLN A 341 -5.19 22.27 -9.33
C GLN A 341 -5.98 21.09 -8.76
N THR A 342 -5.53 19.87 -9.07
CA THR A 342 -6.14 18.66 -8.53
C THR A 342 -5.09 17.59 -8.23
N PHE A 343 -5.55 16.44 -7.72
CA PHE A 343 -4.68 15.31 -7.47
C PHE A 343 -4.82 14.23 -8.53
N MET A 344 -3.68 13.72 -8.98
CA MET A 344 -3.64 12.72 -10.03
C MET A 344 -3.20 11.39 -9.45
N GLN A 345 -4.14 10.45 -9.47
CA GLN A 345 -3.96 9.15 -8.85
C GLN A 345 -2.79 8.37 -9.47
N LEU A 361 4.73 17.83 -12.91
CA LEU A 361 3.80 17.53 -11.83
C LEU A 361 4.56 17.19 -10.55
N GLN A 362 4.03 17.61 -9.41
CA GLN A 362 4.79 17.66 -8.16
C GLN A 362 4.27 16.73 -7.07
N THR A 363 5.18 16.35 -6.17
CA THR A 363 4.85 15.52 -5.01
C THR A 363 4.25 16.36 -3.90
N CYS A 364 3.08 15.95 -3.42
CA CYS A 364 2.37 16.67 -2.36
C CYS A 364 2.09 15.77 -1.15
N TYR A 365 2.47 16.25 0.04
CA TYR A 365 2.34 15.47 1.28
C TYR A 365 1.16 15.98 2.09
N CYS A 366 0.10 15.17 2.17
CA CYS A 366 -1.10 15.52 2.91
C CYS A 366 -1.07 14.85 4.28
N VAL A 367 -1.02 15.67 5.33
CA VAL A 367 -0.74 15.19 6.69
C VAL A 367 -1.97 15.17 7.58
N PHE A 368 -2.39 13.97 8.01
CA PHE A 368 -3.47 13.81 8.98
C PHE A 368 -3.05 13.51 10.42
N ASP A 369 -1.75 13.42 10.76
CA ASP A 369 -1.45 13.18 12.17
C ASP A 369 -0.03 13.58 12.55
N VAL A 370 0.13 13.88 13.84
CA VAL A 370 1.44 14.12 14.46
C VAL A 370 1.59 13.16 15.64
N LEU A 371 2.68 12.41 15.63
CA LEU A 371 3.05 11.65 16.82
C LEU A 371 4.11 12.30 17.74
N MET A 372 4.82 13.31 17.25
CA MET A 372 5.80 14.00 18.08
C MET A 372 6.04 15.45 17.66
N VAL A 373 6.23 16.32 18.65
CA VAL A 373 6.68 17.69 18.42
C VAL A 373 7.71 18.08 19.49
N ASN A 374 8.91 18.49 19.06
CA ASN A 374 9.99 18.87 19.96
C ASN A 374 10.20 17.85 21.09
N ASN A 375 10.11 18.29 22.35
CA ASN A 375 10.39 17.44 23.50
C ASN A 375 9.16 16.65 23.97
N LYS A 376 8.04 16.86 23.28
CA LYS A 376 6.77 16.25 23.67
C LYS A 376 6.36 15.09 22.76
N LYS A 377 6.13 13.93 23.35
CA LYS A 377 5.57 12.79 22.63
C LYS A 377 4.04 12.86 22.65
N LEU A 378 3.45 12.99 21.47
CA LEU A 378 2.02 13.21 21.34
C LEU A 378 1.19 11.93 21.17
N GLY A 379 1.84 10.77 21.14
CA GLY A 379 1.18 9.53 20.80
C GLY A 379 -0.01 9.17 21.67
N HIS A 380 0.07 9.47 22.95
CA HIS A 380 -0.96 9.07 23.91
C HIS A 380 -2.09 10.09 24.00
N GLU A 381 -1.92 11.25 23.37
CA GLU A 381 -2.95 12.27 23.41
C GLU A 381 -4.09 11.92 22.46
N THR A 382 -5.27 12.47 22.75
CA THR A 382 -6.47 12.19 21.97
C THR A 382 -6.38 12.79 20.58
N LEU A 383 -7.05 12.13 19.63
CA LEU A 383 -7.02 12.55 18.22
C LEU A 383 -7.33 14.05 18.09
N ARG A 384 -8.30 14.51 18.87
CA ARG A 384 -8.67 15.92 18.88
C ARG A 384 -7.45 16.79 19.18
N LYS A 385 -6.74 16.46 20.25
CA LYS A 385 -5.52 17.18 20.63
C LYS A 385 -4.48 17.11 19.52
N ARG A 386 -4.37 15.97 18.87
CA ARG A 386 -3.40 15.78 17.80
C ARG A 386 -3.74 16.66 16.60
N TYR A 387 -5.02 16.76 16.25
CA TYR A 387 -5.45 17.68 15.21
C TYR A 387 -5.21 19.12 15.64
N GLU A 388 -5.50 19.41 16.90
CA GLU A 388 -5.27 20.74 17.47
C GLU A 388 -3.81 21.16 17.34
N ILE A 389 -2.90 20.24 17.70
CA ILE A 389 -1.47 20.51 17.57
C ILE A 389 -1.04 20.59 16.09
N LEU A 390 -1.50 19.62 15.30
CA LEU A 390 -1.12 19.52 13.89
C LEU A 390 -1.41 20.81 13.13
N SER A 391 -2.53 21.44 13.45
CA SER A 391 -2.91 22.70 12.82
C SER A 391 -1.85 23.77 13.07
N SER A 392 -1.24 23.71 14.26
CA SER A 392 -0.35 24.77 14.71
C SER A 392 1.15 24.59 14.39
N ILE A 393 1.56 23.42 13.88
CA ILE A 393 2.99 23.16 13.67
C ILE A 393 3.54 23.74 12.36
N PHE A 394 2.67 23.97 11.38
CA PHE A 394 3.11 24.53 10.11
C PHE A 394 1.96 25.17 9.34
N THR A 395 2.31 26.03 8.38
CA THR A 395 1.34 26.68 7.50
C THR A 395 1.26 25.93 6.16
N PRO A 396 0.04 25.52 5.74
CA PRO A 396 -0.11 24.77 4.49
C PRO A 396 0.47 25.45 3.26
N ILE A 397 1.11 24.67 2.40
CA ILE A 397 1.51 25.09 1.05
C ILE A 397 0.70 24.28 0.06
N PRO A 398 -0.24 24.94 -0.66
CA PRO A 398 -1.03 24.18 -1.64
C PRO A 398 -0.15 23.44 -2.66
N GLY A 399 -0.43 22.16 -2.86
CA GLY A 399 0.29 21.36 -3.83
C GLY A 399 1.64 20.86 -3.38
N ARG A 400 2.04 21.19 -2.16
CA ARG A 400 3.32 20.76 -1.63
C ARG A 400 3.10 20.04 -0.29
N ILE A 401 2.65 20.77 0.71
CA ILE A 401 2.31 20.17 2.00
C ILE A 401 1.01 20.78 2.53
N GLU A 402 0.08 19.94 2.97
CA GLU A 402 -1.24 20.40 3.40
C GLU A 402 -1.72 19.65 4.62
N ILE A 403 -2.92 20.03 5.09
CA ILE A 403 -3.60 19.32 6.16
C ILE A 403 -4.93 18.79 5.63
N VAL A 404 -5.21 17.52 5.90
CA VAL A 404 -6.45 16.91 5.46
C VAL A 404 -7.65 17.59 6.16
N GLN A 405 -8.71 17.83 5.39
CA GLN A 405 -9.90 18.48 5.92
C GLN A 405 -10.71 17.51 6.77
N LYS A 406 -11.13 17.99 7.95
CA LYS A 406 -11.90 17.16 8.87
C LYS A 406 -13.28 17.79 9.13
N THR A 407 -14.30 17.02 8.79
CA THR A 407 -15.69 17.45 8.96
C THR A 407 -16.24 16.78 10.21
N GLN A 408 -16.53 17.59 11.23
CA GLN A 408 -17.12 17.06 12.45
C GLN A 408 -18.58 16.65 12.21
N ALA A 409 -18.98 15.52 12.75
CA ALA A 409 -20.30 14.95 12.45
C ALA A 409 -20.88 14.09 13.57
N HIS A 410 -22.19 13.89 13.46
CA HIS A 410 -23.01 13.21 14.46
C HIS A 410 -23.79 12.08 13.80
N THR A 411 -24.67 12.50 12.89
CA THR A 411 -25.72 11.65 12.33
C THR A 411 -25.32 10.84 11.11
N LYS A 412 -25.87 9.62 11.02
CA LYS A 412 -25.63 8.71 9.89
C LYS A 412 -25.83 9.35 8.51
N ASN A 413 -26.88 10.15 8.40
CA ASN A 413 -27.22 10.81 7.15
C ASN A 413 -26.04 11.61 6.61
N GLU A 414 -25.31 12.25 7.51
CA GLU A 414 -24.12 13.01 7.14
C GLU A 414 -23.08 12.10 6.52
N VAL A 415 -22.87 10.94 7.13
CA VAL A 415 -21.95 9.94 6.60
C VAL A 415 -22.38 9.51 5.19
N ILE A 416 -23.66 9.17 5.06
CA ILE A 416 -24.20 8.79 3.75
C ILE A 416 -23.93 9.89 2.71
N ASP A 417 -24.30 11.11 3.06
CA ASP A 417 -24.10 12.27 2.19
C ASP A 417 -22.62 12.41 1.83
N ALA A 418 -21.75 12.23 2.82
CA ALA A 418 -20.31 12.32 2.60
C ALA A 418 -19.85 11.26 1.61
N LEU A 419 -20.33 10.03 1.78
CA LEU A 419 -20.01 8.96 0.84
C LEU A 419 -20.44 9.33 -0.58
N ASN A 420 -21.73 9.62 -0.74
CA ASN A 420 -22.26 9.89 -2.08
C ASN A 420 -21.62 11.11 -2.71
N GLU A 421 -21.33 12.12 -1.91
CA GLU A 421 -20.63 13.31 -2.40
C GLU A 421 -19.19 12.95 -2.77
N ALA A 422 -18.55 12.13 -1.94
CA ALA A 422 -17.17 11.75 -2.17
C ALA A 422 -17.03 11.02 -3.50
N ILE A 423 -17.99 10.16 -3.83
CA ILE A 423 -17.87 9.38 -5.06
C ILE A 423 -17.91 10.27 -6.29
N ASP A 424 -18.58 11.42 -6.22
CA ASP A 424 -18.62 12.31 -7.38
C ASP A 424 -17.31 13.06 -7.55
N LYS A 425 -16.53 13.22 -6.49
CA LYS A 425 -15.14 13.68 -6.60
C LYS A 425 -14.23 12.60 -7.17
N ARG A 426 -14.78 11.41 -7.43
CA ARG A 426 -14.04 10.20 -7.78
C ARG A 426 -13.16 9.74 -6.63
N GLU A 427 -13.62 9.89 -5.39
CA GLU A 427 -12.97 9.22 -4.28
C GLU A 427 -13.40 7.76 -4.24
N GLU A 428 -12.75 7.00 -3.35
CA GLU A 428 -13.01 5.58 -3.17
C GLU A 428 -13.88 5.29 -1.94
N GLY A 429 -14.25 6.30 -1.17
CA GLY A 429 -14.93 6.07 0.07
C GLY A 429 -14.75 7.24 0.98
N ILE A 430 -15.02 7.02 2.27
CA ILE A 430 -14.81 8.04 3.29
C ILE A 430 -14.19 7.41 4.52
N MET A 431 -13.58 8.26 5.34
CA MET A 431 -12.93 7.85 6.57
C MET A 431 -13.69 8.47 7.73
N VAL A 432 -13.84 7.70 8.81
CA VAL A 432 -14.57 8.14 9.98
C VAL A 432 -13.75 7.79 11.24
N LYS A 433 -13.57 8.76 12.13
CA LYS A 433 -12.67 8.60 13.27
C LYS A 433 -13.19 9.14 14.59
N GLN A 434 -12.86 8.41 15.66
CA GLN A 434 -13.12 8.81 17.04
C GLN A 434 -12.20 9.94 17.46
N PRO A 435 -12.77 11.08 17.88
CA PRO A 435 -11.93 12.20 18.33
C PRO A 435 -11.14 11.88 19.61
N LEU A 436 -11.67 10.97 20.42
CA LEU A 436 -11.06 10.64 21.71
C LEU A 436 -10.06 9.49 21.64
N SER A 437 -9.98 8.81 20.51
CA SER A 437 -9.14 7.63 20.37
C SER A 437 -7.66 7.99 20.23
N ILE A 438 -6.80 7.17 20.83
CA ILE A 438 -5.35 7.38 20.73
C ILE A 438 -4.80 6.68 19.50
N TYR A 439 -3.49 6.82 19.29
CA TYR A 439 -2.82 6.19 18.16
C TYR A 439 -2.28 4.83 18.59
N LYS A 440 -2.72 3.79 17.90
CA LYS A 440 -2.39 2.41 18.24
C LYS A 440 -1.72 1.72 17.06
N PRO A 441 -0.37 1.76 17.00
CA PRO A 441 0.39 1.26 15.85
C PRO A 441 0.01 -0.16 15.42
N ASP A 442 -0.14 -0.35 14.11
CA ASP A 442 -0.41 -1.65 13.52
C ASP A 442 -1.74 -2.23 13.98
N LYS A 443 -2.66 -1.40 14.44
CA LYS A 443 -3.98 -1.86 14.83
C LYS A 443 -4.96 -1.38 13.76
N ARG A 444 -5.52 -2.34 13.02
CA ARG A 444 -6.65 -2.12 12.12
C ARG A 444 -7.93 -1.93 12.95
N GLY A 445 -8.72 -0.92 12.63
CA GLY A 445 -9.87 -0.63 13.47
C GLY A 445 -9.48 0.20 14.68
N GLU A 446 -10.10 -0.09 15.83
CA GLU A 446 -9.75 0.52 17.11
C GLU A 446 -9.87 2.03 17.04
N GLY A 447 -10.99 2.50 16.49
CA GLY A 447 -11.27 3.93 16.41
C GLY A 447 -11.15 4.57 15.04
N TRP A 448 -10.55 3.86 14.08
CA TRP A 448 -10.50 4.32 12.69
C TRP A 448 -11.36 3.43 11.80
N LEU A 449 -12.26 4.03 11.02
CA LEU A 449 -13.09 3.28 10.10
C LEU A 449 -13.05 3.85 8.68
N LYS A 450 -13.12 2.95 7.69
CA LYS A 450 -13.18 3.35 6.29
C LYS A 450 -14.42 2.78 5.63
N ILE A 451 -15.21 3.66 5.00
CA ILE A 451 -16.44 3.26 4.33
C ILE A 451 -16.31 3.36 2.83
N LYS A 452 -16.58 2.24 2.16
CA LYS A 452 -16.64 2.07 0.73
C LYS A 452 -18.04 1.61 0.35
N PRO A 453 -18.42 1.77 -0.91
CA PRO A 453 -19.64 1.15 -1.38
C PRO A 453 -19.42 -0.33 -1.71
N GLU A 454 -20.51 -1.09 -1.65
CA GLU A 454 -20.48 -2.50 -1.99
C GLU A 454 -20.68 -2.62 -3.50
N TYR A 455 -19.71 -3.27 -4.17
CA TYR A 455 -19.73 -3.42 -5.61
C TYR A 455 -19.85 -4.90 -5.96
N VAL A 456 -20.78 -5.22 -6.86
CA VAL A 456 -20.92 -6.59 -7.31
C VAL A 456 -19.74 -6.96 -8.21
N SER A 457 -19.37 -8.24 -8.18
CA SER A 457 -18.32 -8.74 -9.05
C SER A 457 -18.85 -9.06 -10.45
N GLY A 458 -20.14 -8.81 -10.69
CA GLY A 458 -20.75 -9.11 -11.98
C GLY A 458 -20.76 -7.97 -12.97
N LEU A 459 -21.82 -7.91 -13.79
CA LEU A 459 -21.90 -6.85 -14.79
C LEU A 459 -22.33 -5.51 -14.20
N MET A 460 -22.73 -5.46 -12.93
CA MET A 460 -22.95 -4.17 -12.30
C MET A 460 -21.64 -3.41 -12.08
N ASP A 461 -20.50 -4.06 -12.30
CA ASP A 461 -19.22 -3.36 -12.38
C ASP A 461 -18.77 -3.07 -13.82
N GLU A 462 -19.48 -3.55 -14.84
CA GLU A 462 -19.25 -3.12 -16.22
C GLU A 462 -20.57 -2.77 -16.90
N LEU A 463 -20.80 -1.47 -17.11
CA LEU A 463 -21.85 -0.91 -17.95
C LEU A 463 -21.17 0.07 -18.89
N ASP A 464 -21.16 -0.24 -20.19
CA ASP A 464 -20.56 0.62 -21.18
C ASP A 464 -21.65 1.53 -21.72
N ILE A 465 -21.58 2.82 -21.37
CA ILE A 465 -22.65 3.75 -21.68
C ILE A 465 -22.06 5.05 -22.18
N LEU A 466 -22.88 5.81 -22.90
CA LEU A 466 -22.41 6.90 -23.71
C LEU A 466 -22.53 8.23 -22.98
N ILE A 467 -21.56 9.12 -23.16
CA ILE A 467 -21.69 10.46 -22.61
C ILE A 467 -22.57 11.26 -23.56
N VAL A 468 -23.77 11.62 -23.11
CA VAL A 468 -24.59 12.58 -23.85
C VAL A 468 -24.61 14.01 -23.30
N GLY A 469 -23.98 14.25 -22.15
CA GLY A 469 -24.02 15.59 -21.58
C GLY A 469 -22.91 15.92 -20.60
N GLY A 470 -22.86 17.20 -20.24
CA GLY A 470 -21.82 17.71 -19.36
C GLY A 470 -22.28 18.86 -18.49
N TYR A 471 -21.54 19.06 -17.40
CA TYR A 471 -21.69 20.22 -16.52
C TYR A 471 -20.32 20.82 -16.26
N TRP A 472 -20.29 22.11 -15.94
CA TRP A 472 -19.03 22.80 -15.69
C TRP A 472 -18.79 22.90 -14.20
N GLY A 473 -17.53 22.78 -13.79
CA GLY A 473 -17.20 22.83 -12.37
C GLY A 473 -17.24 24.24 -11.79
N LYS A 474 -17.65 24.31 -10.53
CA LYS A 474 -17.72 25.58 -9.79
C LYS A 474 -16.33 26.17 -9.52
N ARG A 477 -12.09 27.65 -9.45
CA ARG A 477 -11.90 27.25 -10.85
C ARG A 477 -13.14 26.57 -11.45
N GLY A 478 -12.96 25.32 -11.92
CA GLY A 478 -13.97 24.58 -12.67
C GLY A 478 -14.09 24.92 -14.15
N GLY A 479 -12.95 24.97 -14.87
CA GLY A 479 -12.95 25.25 -16.29
C GLY A 479 -13.09 24.06 -17.22
N MET A 480 -13.48 22.90 -16.68
CA MET A 480 -13.72 21.70 -17.48
C MET A 480 -14.98 21.04 -16.98
N MET A 481 -15.39 19.99 -17.68
CA MET A 481 -16.55 19.23 -17.24
C MET A 481 -16.29 18.64 -15.86
N SER A 482 -17.15 18.98 -14.91
CA SER A 482 -17.11 18.31 -13.61
C SER A 482 -17.77 16.95 -13.72
N HIS A 483 -19.04 16.92 -14.11
CA HIS A 483 -19.77 15.69 -14.30
C HIS A 483 -20.22 15.53 -15.74
N PHE A 484 -20.45 14.30 -16.11
CA PHE A 484 -20.99 13.90 -17.39
C PHE A 484 -22.40 13.44 -17.19
N LEU A 485 -23.20 13.60 -18.24
CA LEU A 485 -24.52 13.01 -18.28
C LEU A 485 -24.47 11.86 -19.26
N CYS A 486 -24.82 10.67 -18.79
CA CYS A 486 -24.64 9.46 -19.56
C CYS A 486 -25.99 8.81 -19.91
N ALA A 487 -26.05 8.13 -21.05
CA ALA A 487 -27.31 7.60 -21.58
C ALA A 487 -27.17 6.19 -22.17
N VAL A 488 -28.32 5.58 -22.45
CA VAL A 488 -28.39 4.28 -23.10
C VAL A 488 -29.24 4.39 -24.36
N ALA A 489 -29.17 3.39 -25.23
CA ALA A 489 -29.87 3.43 -26.51
C ALA A 489 -31.02 2.43 -26.57
N GLU A 490 -31.70 2.37 -27.71
CA GLU A 490 -32.79 1.44 -27.94
C GLU A 490 -32.41 0.50 -29.09
N LYS A 491 -33.02 -0.68 -29.14
CA LYS A 491 -32.62 -1.69 -30.13
C LYS A 491 -32.91 -1.19 -31.55
N PRO A 492 -31.84 -0.98 -32.35
CA PRO A 492 -32.01 -0.54 -33.74
C PRO A 492 -32.37 -1.69 -34.69
N PRO A 493 -32.96 -1.36 -35.86
CA PRO A 493 -33.17 -2.37 -36.91
C PRO A 493 -31.86 -3.03 -37.35
N LYS A 497 -27.19 2.27 -37.41
CA LYS A 497 -26.84 2.77 -36.09
C LYS A 497 -28.09 2.97 -35.23
N PRO A 498 -27.90 3.43 -33.98
CA PRO A 498 -29.07 3.94 -33.24
C PRO A 498 -29.27 5.43 -33.53
N SER A 499 -30.34 6.02 -33.00
CA SER A 499 -30.57 7.46 -33.07
C SER A 499 -30.93 8.03 -31.70
N VAL A 500 -32.11 7.63 -31.20
CA VAL A 500 -32.62 8.14 -29.92
C VAL A 500 -31.87 7.52 -28.73
N PHE A 501 -31.63 8.33 -27.72
CA PHE A 501 -30.98 7.88 -26.49
C PHE A 501 -31.79 8.31 -25.27
N HIS A 502 -31.69 7.53 -24.20
CA HIS A 502 -32.38 7.82 -22.95
C HIS A 502 -31.35 7.96 -21.83
N THR A 503 -31.35 9.12 -21.18
CA THR A 503 -30.42 9.39 -20.10
C THR A 503 -30.60 8.41 -18.95
N LEU A 504 -29.48 7.99 -18.38
CA LEU A 504 -29.46 7.01 -17.30
C LEU A 504 -28.99 7.67 -16.00
N SER A 505 -27.76 8.19 -15.97
CA SER A 505 -27.24 8.73 -14.72
C SER A 505 -26.17 9.78 -14.99
N ARG A 506 -26.03 10.68 -14.01
CA ARG A 506 -24.87 11.55 -13.87
C ARG A 506 -23.72 10.77 -13.27
N VAL A 507 -22.49 11.21 -13.57
CA VAL A 507 -21.29 10.65 -12.92
C VAL A 507 -20.21 11.71 -12.88
N GLY A 508 -19.48 11.75 -11.76
CA GLY A 508 -18.42 12.72 -11.59
C GLY A 508 -17.27 12.46 -12.54
N SER A 509 -16.95 13.45 -13.37
CA SER A 509 -15.90 13.38 -14.37
C SER A 509 -14.62 14.06 -13.93
N GLY A 510 -14.53 14.55 -12.67
CA GLY A 510 -13.41 15.39 -12.23
C GLY A 510 -12.09 14.81 -12.67
N CYS A 511 -11.14 15.67 -13.04
CA CYS A 511 -10.09 15.36 -14.02
C CYS A 511 -8.91 14.53 -13.43
N THR A 512 -9.11 13.77 -12.36
CA THR A 512 -8.06 13.10 -11.57
C THR A 512 -7.19 12.09 -12.34
N MET A 513 -7.47 11.74 -13.59
CA MET A 513 -6.46 11.03 -14.38
C MET A 513 -6.35 11.63 -15.78
N LYS A 514 -5.16 11.46 -16.37
CA LYS A 514 -4.84 12.08 -17.67
C LYS A 514 -5.93 11.79 -18.71
N GLU A 515 -6.33 10.52 -18.80
CA GLU A 515 -7.32 10.08 -19.78
C GLU A 515 -8.62 10.86 -19.68
N LEU A 516 -8.90 11.43 -18.50
CA LEU A 516 -10.09 12.27 -18.34
C LEU A 516 -9.86 13.65 -18.94
N TYR A 517 -8.70 14.25 -18.66
CA TYR A 517 -8.38 15.54 -19.26
C TYR A 517 -8.30 15.44 -20.77
N ASP A 518 -7.65 14.38 -21.27
CA ASP A 518 -7.54 14.17 -22.71
C ASP A 518 -8.92 14.01 -23.32
N LEU A 519 -9.77 13.22 -22.67
CA LEU A 519 -11.16 13.10 -23.10
C LEU A 519 -11.83 14.46 -23.07
N GLY A 520 -11.55 15.25 -22.04
CA GLY A 520 -12.05 16.60 -21.94
C GLY A 520 -11.64 17.45 -23.13
N LEU A 521 -10.35 17.38 -23.48
CA LEU A 521 -9.81 18.17 -24.58
C LEU A 521 -10.36 17.73 -25.93
N LYS A 522 -10.46 16.42 -26.12
CA LYS A 522 -10.95 15.86 -27.38
C LYS A 522 -12.38 16.33 -27.70
N LEU A 523 -13.17 16.54 -26.66
CA LEU A 523 -14.59 16.85 -26.83
C LEU A 523 -14.92 18.34 -26.83
N ALA A 524 -13.91 19.19 -26.65
CA ALA A 524 -14.13 20.63 -26.52
C ALA A 524 -14.93 21.20 -27.68
N LYS A 525 -14.47 20.93 -28.89
CA LYS A 525 -15.09 21.44 -30.10
C LYS A 525 -16.54 20.98 -30.30
N TYR A 526 -16.91 19.84 -29.70
CA TYR A 526 -18.23 19.24 -29.95
C TYR A 526 -19.35 19.58 -28.96
N TRP A 527 -19.06 20.35 -27.91
CA TRP A 527 -20.11 20.69 -26.92
C TRP A 527 -21.06 21.73 -27.51
N LYS A 528 -22.35 21.59 -27.21
CA LYS A 528 -23.34 22.57 -27.61
C LYS A 528 -24.21 22.97 -26.41
N PRO A 529 -24.59 24.26 -26.31
CA PRO A 529 -25.49 24.67 -25.23
C PRO A 529 -26.85 23.99 -25.30
N PHE A 530 -27.31 23.50 -24.14
CA PHE A 530 -28.61 22.84 -24.05
C PHE A 530 -29.69 23.88 -23.81
N HIS A 531 -30.74 23.83 -24.65
CA HIS A 531 -31.89 24.72 -24.50
C HIS A 531 -33.11 23.90 -24.09
N ARG A 532 -33.58 24.13 -22.86
CA ARG A 532 -34.68 23.34 -22.29
C ARG A 532 -35.97 23.46 -23.11
N LYS A 533 -36.21 24.64 -23.69
CA LYS A 533 -37.40 24.86 -24.50
C LYS A 533 -37.29 24.22 -25.88
N ALA A 534 -36.07 23.92 -26.34
CA ALA A 534 -35.87 23.33 -27.67
C ALA A 534 -34.76 22.28 -27.65
N PRO A 535 -35.00 21.14 -26.97
CA PRO A 535 -33.99 20.08 -26.84
C PRO A 535 -33.74 19.29 -28.12
N PRO A 536 -32.61 18.56 -28.18
CA PRO A 536 -32.31 17.67 -29.30
C PRO A 536 -33.14 16.38 -29.26
N SER A 537 -33.50 15.84 -30.42
CA SER A 537 -34.34 14.66 -30.49
C SER A 537 -33.57 13.37 -30.25
N SER A 538 -32.25 13.46 -30.36
CA SER A 538 -31.38 12.29 -30.21
C SER A 538 -31.23 11.89 -28.74
N ILE A 539 -31.47 12.84 -27.84
CA ILE A 539 -31.33 12.60 -26.40
C ILE A 539 -32.65 12.91 -25.67
N LEU A 540 -33.24 11.88 -25.07
CA LEU A 540 -34.46 12.03 -24.29
C LEU A 540 -34.13 12.06 -22.80
N CYS A 541 -34.48 13.17 -22.15
CA CYS A 541 -34.10 13.42 -20.76
C CYS A 541 -35.29 13.45 -19.81
N GLY A 542 -35.04 13.08 -18.56
CA GLY A 542 -36.01 13.19 -17.50
C GLY A 542 -35.92 14.55 -16.84
N THR A 543 -36.24 14.62 -15.54
CA THR A 543 -36.17 15.86 -14.79
C THR A 543 -34.80 16.53 -14.89
N GLU A 544 -33.75 15.71 -14.86
CA GLU A 544 -32.39 16.22 -14.91
C GLU A 544 -31.99 16.56 -16.34
N LYS A 545 -31.63 17.82 -16.55
CA LYS A 545 -31.21 18.30 -17.87
C LYS A 545 -29.79 18.83 -17.77
N PRO A 546 -29.00 18.66 -18.84
CA PRO A 546 -27.59 19.06 -18.70
C PRO A 546 -27.36 20.54 -18.98
N GLU A 547 -26.13 21.00 -18.78
CA GLU A 547 -25.74 22.35 -19.13
C GLU A 547 -25.40 22.44 -20.62
N VAL A 548 -24.73 21.40 -21.11
CA VAL A 548 -24.41 21.27 -22.52
C VAL A 548 -24.60 19.82 -22.94
N TYR A 549 -24.96 19.61 -24.21
CA TYR A 549 -25.07 18.25 -24.72
C TYR A 549 -24.02 18.01 -25.80
N ILE A 550 -23.99 16.78 -26.29
CA ILE A 550 -23.14 16.40 -27.41
C ILE A 550 -23.88 15.34 -28.22
N GLU A 551 -23.85 15.46 -29.53
CA GLU A 551 -24.51 14.46 -30.36
C GLU A 551 -23.74 13.15 -30.23
N PRO A 552 -24.47 12.03 -30.03
CA PRO A 552 -23.85 10.73 -29.73
C PRO A 552 -22.70 10.33 -30.66
N CYS A 553 -22.77 10.72 -31.92
CA CYS A 553 -21.78 10.32 -32.91
C CYS A 553 -20.42 10.96 -32.64
N ASN A 554 -20.43 12.13 -32.00
CA ASN A 554 -19.18 12.81 -31.65
C ASN A 554 -18.69 12.43 -30.25
N SER A 555 -19.48 11.63 -29.54
CA SER A 555 -19.21 11.32 -28.14
C SER A 555 -18.39 10.05 -27.94
N VAL A 556 -18.31 9.62 -26.69
CA VAL A 556 -17.43 8.53 -26.29
C VAL A 556 -18.12 7.57 -25.31
N ILE A 557 -17.85 6.27 -25.47
CA ILE A 557 -18.33 5.27 -24.53
C ILE A 557 -17.45 5.23 -23.30
N VAL A 558 -18.09 5.24 -22.12
CA VAL A 558 -17.38 5.05 -20.87
C VAL A 558 -17.91 3.81 -20.16
N GLN A 559 -16.98 3.01 -19.62
CA GLN A 559 -17.34 1.88 -18.79
C GLN A 559 -17.43 2.33 -17.34
N ILE A 560 -18.66 2.23 -16.85
CA ILE A 560 -19.08 2.69 -15.53
C ILE A 560 -19.41 1.49 -14.63
N LYS A 561 -18.69 1.35 -13.52
CA LYS A 561 -19.14 0.50 -12.43
C LYS A 561 -20.14 1.22 -11.52
N ALA A 562 -21.02 0.45 -10.87
CA ALA A 562 -21.92 1.00 -9.86
C ALA A 562 -22.31 -0.10 -8.87
N ALA A 563 -22.80 0.31 -7.69
CA ALA A 563 -23.18 -0.65 -6.66
C ALA A 563 -24.49 -1.34 -7.00
N GLU A 564 -25.41 -0.59 -7.61
CA GLU A 564 -26.71 -1.15 -7.98
C GLU A 564 -27.59 -0.13 -8.68
N ILE A 565 -28.63 -0.65 -9.34
CA ILE A 565 -29.59 0.16 -10.08
C ILE A 565 -30.82 0.37 -9.22
N VAL A 566 -31.19 1.63 -8.99
CA VAL A 566 -32.35 1.94 -8.15
C VAL A 566 -33.34 2.83 -8.89
N PRO A 567 -34.61 2.80 -8.46
CA PRO A 567 -35.64 3.64 -9.12
C PRO A 567 -35.34 5.13 -9.02
N SER A 568 -35.60 5.86 -10.10
CA SER A 568 -35.38 7.32 -10.11
C SER A 568 -36.42 8.02 -10.98
N ASP A 569 -36.88 9.17 -10.51
CA ASP A 569 -37.80 10.00 -11.28
C ASP A 569 -37.06 11.06 -12.09
N MET A 570 -35.75 11.15 -11.89
CA MET A 570 -34.96 12.22 -12.49
C MET A 570 -34.35 11.88 -13.84
N TYR A 571 -34.49 10.64 -14.28
CA TYR A 571 -33.86 10.19 -15.53
C TYR A 571 -34.85 9.41 -16.39
N LYS A 572 -34.64 9.48 -17.70
CA LYS A 572 -35.61 8.93 -18.64
C LYS A 572 -35.82 7.44 -18.43
N THR A 573 -34.77 6.71 -18.03
CA THR A 573 -34.87 5.27 -17.82
C THR A 573 -35.75 4.93 -16.62
N GLY A 574 -36.08 5.94 -15.82
CA GLY A 574 -36.89 5.73 -14.63
C GLY A 574 -36.07 5.11 -13.50
N CYS A 575 -34.78 4.97 -13.73
CA CYS A 575 -33.86 4.40 -12.75
C CYS A 575 -32.49 5.06 -12.87
N THR A 576 -31.69 4.94 -11.84
CA THR A 576 -30.32 5.46 -11.87
C THR A 576 -29.36 4.53 -11.15
N LEU A 577 -28.09 4.91 -11.17
CA LEU A 577 -27.01 4.12 -10.60
C LEU A 577 -26.62 4.67 -9.24
N ARG A 578 -26.55 3.80 -8.25
CA ARG A 578 -26.09 4.20 -6.93
C ARG A 578 -24.57 4.04 -6.87
N PHE A 579 -23.89 5.08 -6.43
CA PHE A 579 -22.43 5.08 -6.33
C PHE A 579 -21.76 4.81 -7.67
N PRO A 580 -22.11 5.58 -8.71
CA PRO A 580 -21.48 5.36 -10.01
C PRO A 580 -20.06 5.91 -10.07
N ARG A 581 -19.20 5.23 -10.82
CA ARG A 581 -17.84 5.72 -11.07
C ARG A 581 -17.39 5.26 -12.44
N ILE A 582 -16.46 5.99 -13.04
CA ILE A 582 -15.96 5.65 -14.36
C ILE A 582 -14.73 4.76 -14.18
N GLU A 583 -14.87 3.49 -14.56
CA GLU A 583 -13.77 2.56 -14.49
C GLU A 583 -12.86 2.73 -15.69
N LYS A 584 -13.45 2.89 -16.87
CA LYS A 584 -12.63 3.02 -18.08
C LYS A 584 -13.25 3.85 -19.19
N ILE A 585 -12.38 4.46 -20.00
CA ILE A 585 -12.80 5.05 -21.27
C ILE A 585 -12.45 4.05 -22.37
N ARG A 586 -13.36 3.89 -23.32
CA ARG A 586 -13.23 2.84 -24.32
C ARG A 586 -12.92 3.40 -25.71
N ASP A 587 -11.69 3.15 -26.17
CA ASP A 587 -11.32 3.44 -27.55
C ASP A 587 -11.55 2.20 -28.42
N ASP A 588 -11.82 1.08 -27.76
CA ASP A 588 -12.09 -0.18 -28.45
C ASP A 588 -13.56 -0.28 -28.85
N LYS A 589 -14.38 0.67 -28.38
CA LYS A 589 -15.80 0.69 -28.68
C LYS A 589 -16.14 1.98 -29.41
N GLU A 590 -16.89 1.84 -30.50
CA GLU A 590 -17.46 2.98 -31.23
C GLU A 590 -18.70 3.51 -30.48
N TRP A 591 -19.09 4.73 -30.85
CA TRP A 591 -20.19 5.41 -30.15
C TRP A 591 -21.52 4.66 -30.27
N HIS A 592 -21.67 3.87 -31.32
CA HIS A 592 -22.86 3.09 -31.64
C HIS A 592 -22.94 1.77 -30.85
N GLU A 593 -21.88 1.48 -30.10
CA GLU A 593 -21.77 0.21 -29.37
C GLU A 593 -22.39 0.29 -27.98
N CYS A 594 -23.01 1.43 -27.68
CA CYS A 594 -23.61 1.66 -26.37
C CYS A 594 -24.63 0.59 -26.02
N MET A 595 -24.71 0.22 -24.74
CA MET A 595 -25.65 -0.81 -24.29
C MET A 595 -27.07 -0.30 -24.41
N THR A 596 -27.99 -1.18 -24.76
CA THR A 596 -29.38 -0.78 -25.02
C THR A 596 -30.20 -0.76 -23.74
N LEU A 597 -31.46 -0.36 -23.87
CA LEU A 597 -32.40 -0.40 -22.75
C LEU A 597 -32.72 -1.85 -22.42
N ASP A 598 -32.68 -2.73 -23.43
CA ASP A 598 -32.92 -4.15 -23.19
C ASP A 598 -31.81 -4.74 -22.33
N ASP A 599 -30.56 -4.35 -22.58
CA ASP A 599 -29.46 -4.82 -21.75
C ASP A 599 -29.65 -4.38 -20.30
N LEU A 600 -30.07 -3.13 -20.14
CA LEU A 600 -30.31 -2.56 -18.81
C LEU A 600 -31.46 -3.27 -18.12
N GLU A 601 -32.52 -3.52 -18.88
CA GLU A 601 -33.68 -4.25 -18.37
C GLU A 601 -33.27 -5.67 -17.97
N GLN A 602 -32.41 -6.27 -18.78
CA GLN A 602 -31.84 -7.56 -18.45
C GLN A 602 -31.02 -7.47 -17.16
N LEU A 603 -30.22 -6.41 -17.04
CA LEU A 603 -29.42 -6.22 -15.83
C LEU A 603 -30.29 -5.88 -14.62
N ARG A 604 -31.46 -5.26 -14.80
CA ARG A 604 -32.35 -5.11 -13.67
C ARG A 604 -33.64 -5.90 -13.90
P AMP E . -8.81 2.36 0.65
O1P AMP E . -9.30 1.27 1.55
O2P AMP E . -8.31 1.99 -0.73
O5' AMP E . -7.58 3.02 1.43
C5' AMP E . -7.47 2.84 2.82
C4' AMP E . -6.08 3.18 3.31
O4' AMP E . -5.72 4.48 2.82
C3' AMP E . -5.95 3.28 4.82
O3' AMP E . -5.79 2.03 5.47
C2' AMP E . -4.79 4.24 5.00
O2' AMP E . -3.55 3.54 4.93
C1' AMP E . -4.93 5.15 3.78
N9 AMP E . -5.60 6.42 4.10
C8 AMP E . -6.22 7.22 3.17
N7 AMP E . -6.73 8.32 3.66
C5 AMP E . -6.42 8.26 5.00
C6 AMP E . -6.68 9.15 6.07
N6 AMP E . -7.35 10.29 5.92
N1 AMP E . -6.24 8.82 7.30
C2 AMP E . -5.58 7.67 7.45
N3 AMP E . -5.26 6.76 6.53
C4 AMP E . -5.71 7.10 5.31
#